data_7PUD
#
_entry.id   7PUD
#
_cell.length_a   37.918
_cell.length_b   54.497
_cell.length_c   81.967
_cell.angle_alpha   90.000
_cell.angle_beta   90.000
_cell.angle_gamma   90.000
#
_symmetry.space_group_name_H-M   'P 2 21 21'
#
loop_
_entity.id
_entity.type
_entity.pdbx_description
1 polymer Bryoporin
2 non-polymer (4S)-2-METHYL-2,4-PENTANEDIOL
3 non-polymer 'SULFATE ION'
4 water water
#
_entity_poly.entity_id   1
_entity_poly.type   'polypeptide(L)'
_entity_poly.pdbx_seq_one_letter_code
;MAEAIIPAAELSIKTLQNIVEGITGVDRKIAIGFKNLTDYTLENLGVYFNSGSSDRSIAYKINAQEALLFSARKSDHTAR
GTVGTFSYYIQDEDKTVHVMWSVPFDYNLYSNWWNIAVVDGRQPPDSNVHDNLYNGSGGMPYPNKPDQYINNEQKGFHLF
GSMTNNGQATIEVELKKAKLAAALEHHHHHH
;
_entity_poly.pdbx_strand_id   A
#
# COMPACT_ATOMS: atom_id res chain seq x y z
N ALA A 4 -12.93 -2.49 7.95
CA ALA A 4 -11.58 -2.18 7.48
C ALA A 4 -10.55 -3.19 7.98
N ILE A 5 -10.96 -4.04 8.91
CA ILE A 5 -10.08 -5.04 9.51
C ILE A 5 -10.81 -6.38 9.52
N ILE A 6 -10.14 -7.42 9.02
CA ILE A 6 -10.67 -8.78 9.02
C ILE A 6 -9.58 -9.73 9.51
N PRO A 7 -9.87 -10.99 9.85
CA PRO A 7 -8.78 -11.92 10.08
C PRO A 7 -7.95 -12.08 8.81
N ALA A 8 -6.63 -12.10 8.99
CA ALA A 8 -5.75 -12.15 7.82
C ALA A 8 -6.03 -13.37 6.94
N ALA A 9 -6.37 -14.50 7.56
CA ALA A 9 -6.58 -15.73 6.81
C ALA A 9 -7.83 -15.67 5.94
N GLU A 10 -8.71 -14.71 6.16
CA GLU A 10 -9.91 -14.55 5.34
C GLU A 10 -9.69 -13.63 4.14
N LEU A 11 -8.53 -13.02 4.02
CA LEU A 11 -8.26 -12.13 2.90
C LEU A 11 -8.08 -12.95 1.61
N SER A 12 -8.79 -12.55 0.56
CA SER A 12 -8.68 -13.19 -0.74
CA SER A 12 -8.68 -13.19 -0.74
C SER A 12 -8.55 -12.12 -1.81
N ILE A 13 -7.99 -12.51 -2.96
CA ILE A 13 -7.90 -11.56 -4.07
C ILE A 13 -9.29 -11.18 -4.54
N LYS A 14 -10.24 -12.11 -4.46
N LYS A 14 -10.25 -12.09 -4.46
CA LYS A 14 -11.62 -11.79 -4.83
CA LYS A 14 -11.62 -11.77 -4.84
C LYS A 14 -12.18 -10.65 -3.99
C LYS A 14 -12.19 -10.64 -3.99
N THR A 15 -11.86 -10.63 -2.69
CA THR A 15 -12.34 -9.55 -1.83
C THR A 15 -11.81 -8.22 -2.33
N LEU A 16 -10.53 -8.17 -2.70
CA LEU A 16 -9.95 -6.93 -3.20
C LEU A 16 -10.55 -6.54 -4.55
N GLN A 17 -10.77 -7.52 -5.44
CA GLN A 17 -11.43 -7.26 -6.71
C GLN A 17 -12.81 -6.65 -6.49
N ASN A 18 -13.58 -7.21 -5.57
CA ASN A 18 -14.90 -6.67 -5.28
C ASN A 18 -14.80 -5.23 -4.79
N ILE A 19 -13.87 -4.96 -3.87
CA ILE A 19 -13.71 -3.61 -3.36
C ILE A 19 -13.40 -2.64 -4.48
N VAL A 20 -12.40 -2.93 -5.29
CA VAL A 20 -11.97 -1.93 -6.28
C VAL A 20 -13.02 -1.76 -7.38
N GLU A 21 -13.69 -2.84 -7.76
CA GLU A 21 -14.71 -2.71 -8.78
C GLU A 21 -15.94 -1.98 -8.27
N GLY A 22 -16.13 -1.91 -6.94
CA GLY A 22 -17.24 -1.13 -6.41
C GLY A 22 -17.03 0.35 -6.33
N ILE A 23 -15.87 0.84 -6.76
CA ILE A 23 -15.59 2.26 -6.88
C ILE A 23 -15.89 2.62 -8.33
N THR A 24 -17.09 3.12 -8.58
CA THR A 24 -17.47 3.55 -9.91
C THR A 24 -17.27 5.06 -10.02
N GLY A 25 -17.30 5.56 -11.25
CA GLY A 25 -17.24 6.98 -11.47
C GLY A 25 -15.86 7.55 -11.77
N VAL A 26 -14.78 6.83 -11.46
CA VAL A 26 -13.44 7.23 -11.86
C VAL A 26 -12.70 6.03 -12.45
N ASP A 27 -11.68 6.33 -13.24
CA ASP A 27 -10.96 5.37 -14.06
C ASP A 27 -9.64 4.89 -13.45
N ARG A 28 -9.25 5.43 -12.28
CA ARG A 28 -8.02 5.02 -11.60
C ARG A 28 -8.33 4.86 -10.10
N LYS A 29 -8.16 3.64 -9.59
CA LYS A 29 -8.50 3.35 -8.21
CA LYS A 29 -8.56 3.31 -8.23
C LYS A 29 -7.78 2.07 -7.81
N ILE A 30 -7.74 1.83 -6.49
CA ILE A 30 -6.98 0.71 -5.95
C ILE A 30 -7.65 0.15 -4.70
N ALA A 31 -7.52 -1.16 -4.50
CA ALA A 31 -7.78 -1.80 -3.22
C ALA A 31 -6.53 -2.51 -2.71
N ILE A 32 -6.19 -2.28 -1.46
CA ILE A 32 -5.00 -2.85 -0.84
C ILE A 32 -5.43 -3.72 0.34
N GLY A 33 -4.95 -4.96 0.35
CA GLY A 33 -5.12 -5.83 1.48
C GLY A 33 -3.77 -6.15 2.08
N PHE A 34 -3.58 -5.81 3.36
CA PHE A 34 -2.27 -5.85 4.02
C PHE A 34 -2.38 -6.74 5.26
N LYS A 35 -1.74 -7.91 5.23
CA LYS A 35 -1.78 -8.88 6.34
C LYS A 35 -0.66 -8.62 7.33
N ASN A 36 -1.03 -8.44 8.60
CA ASN A 36 -0.05 -8.44 9.69
C ASN A 36 0.04 -9.86 10.23
N LEU A 37 1.04 -10.60 9.76
CA LEU A 37 1.26 -11.96 10.23
C LEU A 37 2.27 -12.00 11.36
N THR A 38 2.42 -10.91 12.11
CA THR A 38 3.22 -10.89 13.32
C THR A 38 2.32 -10.94 14.55
N ASP A 39 2.94 -11.05 15.73
CA ASP A 39 2.23 -10.92 17.00
C ASP A 39 2.16 -9.47 17.51
N TYR A 40 2.68 -8.51 16.76
CA TYR A 40 2.73 -7.12 17.18
C TYR A 40 1.44 -6.39 16.80
N THR A 41 1.14 -5.34 17.55
CA THR A 41 0.11 -4.37 17.16
C THR A 41 0.73 -3.28 16.30
N LEU A 42 0.13 -3.01 15.16
CA LEU A 42 0.62 -1.98 14.24
C LEU A 42 -0.23 -0.72 14.43
N GLU A 43 0.42 0.44 14.54
CA GLU A 43 -0.27 1.71 14.77
C GLU A 43 -0.12 2.61 13.55
N ASN A 44 -1.24 3.06 12.97
CA ASN A 44 -1.16 3.89 11.78
C ASN A 44 -0.56 5.26 12.12
N LEU A 45 0.41 5.69 11.32
CA LEU A 45 1.03 7.00 11.47
C LEU A 45 0.54 7.97 10.41
N GLY A 46 -0.42 7.58 9.59
CA GLY A 46 -0.98 8.43 8.57
C GLY A 46 -1.05 7.74 7.21
N VAL A 47 -1.75 8.42 6.30
CA VAL A 47 -1.72 8.17 4.86
C VAL A 47 -1.42 9.48 4.16
N TYR A 48 -0.39 9.49 3.33
CA TYR A 48 -0.03 10.62 2.48
C TYR A 48 -0.55 10.36 1.07
N PHE A 49 -1.36 11.27 0.55
CA PHE A 49 -1.85 11.20 -0.83
C PHE A 49 -1.05 12.12 -1.74
N ASN A 50 -0.30 11.53 -2.65
CA ASN A 50 0.34 12.30 -3.70
C ASN A 50 -0.67 12.72 -4.75
N SER A 51 -1.60 11.82 -5.09
CA SER A 51 -2.65 12.08 -6.05
C SER A 51 -3.93 11.41 -5.55
N GLY A 52 -5.06 12.09 -5.71
CA GLY A 52 -6.34 11.52 -5.36
C GLY A 52 -6.62 11.56 -3.86
N SER A 53 -7.53 10.69 -3.43
CA SER A 53 -7.99 10.69 -2.05
C SER A 53 -8.48 9.30 -1.73
N SER A 54 -9.18 9.17 -0.61
CA SER A 54 -9.83 7.93 -0.23
C SER A 54 -11.16 8.25 0.42
N ASP A 55 -12.14 7.35 0.27
CA ASP A 55 -13.44 7.63 0.85
C ASP A 55 -13.66 7.03 2.22
N ARG A 56 -12.71 6.24 2.73
CA ARG A 56 -12.85 5.61 4.03
C ARG A 56 -11.56 5.78 4.82
N SER A 57 -11.69 5.90 6.13
CA SER A 57 -10.53 6.04 6.98
C SER A 57 -9.76 4.73 7.06
N ILE A 58 -8.44 4.84 7.11
CA ILE A 58 -7.60 3.67 7.29
C ILE A 58 -7.69 3.24 8.75
N ALA A 59 -7.52 1.94 8.99
CA ALA A 59 -7.63 1.44 10.36
C ALA A 59 -6.49 1.98 11.20
N TYR A 60 -6.80 2.52 12.39
CA TYR A 60 -5.75 3.04 13.24
C TYR A 60 -4.89 1.93 13.80
N LYS A 61 -5.48 0.79 14.15
CA LYS A 61 -4.73 -0.34 14.69
C LYS A 61 -4.96 -1.56 13.82
N ILE A 62 -3.89 -2.26 13.47
CA ILE A 62 -3.96 -3.62 12.92
C ILE A 62 -3.36 -4.53 13.98
N ASN A 63 -4.20 -5.38 14.59
CA ASN A 63 -3.73 -6.26 15.64
C ASN A 63 -3.15 -7.54 15.04
N ALA A 64 -2.65 -8.42 15.89
CA ALA A 64 -1.99 -9.64 15.44
C ALA A 64 -2.90 -10.49 14.57
N GLN A 65 -2.40 -10.96 13.45
CA GLN A 65 -3.10 -11.90 12.58
C GLN A 65 -4.36 -11.29 11.95
N GLU A 66 -4.35 -9.98 11.76
CA GLU A 66 -5.43 -9.28 11.06
C GLU A 66 -4.91 -8.73 9.74
N ALA A 67 -5.84 -8.50 8.81
CA ALA A 67 -5.58 -7.79 7.55
C ALA A 67 -6.35 -6.49 7.51
N LEU A 68 -5.66 -5.44 7.05
CA LEU A 68 -6.30 -4.19 6.67
C LEU A 68 -6.87 -4.30 5.26
N LEU A 69 -8.07 -3.75 5.08
CA LEU A 69 -8.66 -3.48 3.77
C LEU A 69 -8.72 -1.97 3.59
N PHE A 70 -8.09 -1.48 2.52
CA PHE A 70 -7.97 -0.05 2.26
C PHE A 70 -8.28 0.19 0.80
N SER A 71 -8.83 1.36 0.47
CA SER A 71 -9.02 1.70 -0.93
C SER A 71 -8.71 3.18 -1.13
N ALA A 72 -8.39 3.53 -2.38
CA ALA A 72 -8.09 4.91 -2.76
C ALA A 72 -8.49 5.10 -4.21
N ARG A 73 -8.66 6.36 -4.62
CA ARG A 73 -9.21 6.66 -5.94
C ARG A 73 -8.68 8.02 -6.41
N LYS A 74 -8.64 8.19 -7.73
N LYS A 74 -8.62 8.18 -7.73
N LYS A 74 -8.63 8.19 -7.73
CA LYS A 74 -8.27 9.48 -8.28
CA LYS A 74 -8.25 9.49 -8.29
CA LYS A 74 -8.27 9.48 -8.28
C LYS A 74 -9.40 10.49 -8.06
C LYS A 74 -9.38 10.49 -8.04
C LYS A 74 -9.39 10.49 -8.05
N SER A 75 -9.04 11.77 -8.15
CA SER A 75 -10.00 12.84 -8.01
C SER A 75 -10.79 13.00 -9.31
N ASP A 76 -12.02 13.48 -9.19
CA ASP A 76 -12.76 13.83 -10.41
C ASP A 76 -12.10 15.02 -11.10
N HIS A 77 -12.27 15.11 -12.42
CA HIS A 77 -11.86 16.27 -13.21
C HIS A 77 -10.36 16.54 -13.18
N THR A 78 -9.51 15.57 -12.86
CA THR A 78 -8.07 15.83 -12.86
C THR A 78 -7.34 14.80 -13.70
N ALA A 79 -6.20 15.22 -14.24
CA ALA A 79 -5.32 14.35 -15.02
C ALA A 79 -4.26 13.68 -14.16
N ARG A 80 -4.66 13.19 -12.98
CA ARG A 80 -3.77 12.46 -12.10
CA ARG A 80 -3.79 12.47 -12.07
C ARG A 80 -4.46 11.15 -11.70
N GLY A 81 -3.69 10.25 -11.10
CA GLY A 81 -4.25 8.95 -10.71
C GLY A 81 -4.46 8.81 -9.21
N THR A 82 -4.28 7.60 -8.68
CA THR A 82 -4.28 7.39 -7.23
C THR A 82 -2.88 6.96 -6.82
N VAL A 83 -2.23 7.76 -5.99
CA VAL A 83 -0.81 7.60 -5.66
C VAL A 83 -0.60 8.05 -4.22
N GLY A 84 0.06 7.23 -3.41
CA GLY A 84 0.30 7.63 -2.03
C GLY A 84 1.13 6.62 -1.27
N THR A 85 1.27 6.90 0.03
CA THR A 85 1.99 6.03 0.95
C THR A 85 1.27 6.00 2.28
N PHE A 86 1.05 4.80 2.84
CA PHE A 86 0.59 4.68 4.23
C PHE A 86 1.66 4.04 5.08
N SER A 87 1.56 4.30 6.40
CA SER A 87 2.64 3.86 7.29
C SER A 87 2.08 3.34 8.61
N TYR A 88 2.68 2.26 9.13
CA TYR A 88 2.32 1.65 10.40
C TYR A 88 3.55 1.47 11.28
N TYR A 89 3.45 1.97 12.51
CA TYR A 89 4.50 1.79 13.51
C TYR A 89 4.34 0.42 14.15
N ILE A 90 5.45 -0.32 14.26
CA ILE A 90 5.44 -1.65 14.86
C ILE A 90 5.70 -1.43 16.34
N GLN A 91 4.65 -1.49 17.13
CA GLN A 91 4.75 -1.22 18.55
C GLN A 91 5.58 -2.31 19.21
N ASP A 92 6.61 -1.90 19.96
CA ASP A 92 7.60 -2.71 20.69
C ASP A 92 8.86 -2.99 19.89
N GLU A 93 8.93 -2.62 18.61
CA GLU A 93 10.11 -2.85 17.78
C GLU A 93 10.81 -1.57 17.34
N ASP A 94 10.22 -0.40 17.60
CA ASP A 94 10.73 0.89 17.14
C ASP A 94 11.12 0.89 15.66
N LYS A 95 10.19 0.44 14.82
CA LYS A 95 10.35 0.42 13.37
C LYS A 95 9.01 0.78 12.74
N THR A 96 9.06 1.27 11.50
CA THR A 96 7.86 1.65 10.73
C THR A 96 7.84 0.87 9.41
N VAL A 97 6.66 0.40 9.02
CA VAL A 97 6.44 -0.23 7.71
CA VAL A 97 6.47 -0.21 7.70
C VAL A 97 5.70 0.77 6.82
N HIS A 98 6.28 1.10 5.67
CA HIS A 98 5.65 1.95 4.66
C HIS A 98 5.17 1.09 3.50
N VAL A 99 3.97 1.40 2.99
CA VAL A 99 3.44 0.81 1.76
C VAL A 99 3.11 1.94 0.81
N MET A 100 3.79 1.97 -0.33
CA MET A 100 3.56 2.92 -1.43
C MET A 100 2.77 2.30 -2.56
N TRP A 101 1.83 3.05 -3.13
CA TRP A 101 1.17 2.63 -4.36
C TRP A 101 1.15 3.79 -5.36
N SER A 102 1.21 3.44 -6.66
CA SER A 102 1.10 4.42 -7.73
C SER A 102 0.34 3.77 -8.89
N VAL A 103 -0.86 4.29 -9.17
CA VAL A 103 -1.73 3.93 -10.29
C VAL A 103 -1.92 5.21 -11.10
N PRO A 104 -1.09 5.43 -12.13
CA PRO A 104 -1.00 6.77 -12.74
C PRO A 104 -2.13 7.04 -13.72
N PHE A 105 -2.36 8.33 -13.97
CA PHE A 105 -3.31 8.73 -15.01
C PHE A 105 -2.88 8.25 -16.40
N ASP A 106 -1.61 8.40 -16.73
CA ASP A 106 -1.17 8.32 -18.13
C ASP A 106 -0.32 7.07 -18.35
N TYR A 107 -0.95 6.01 -18.86
CA TYR A 107 -0.22 4.79 -19.18
C TYR A 107 0.59 4.89 -20.49
N ASN A 108 0.48 6.00 -21.23
CA ASN A 108 1.38 6.21 -22.36
C ASN A 108 2.76 6.56 -21.85
N LEU A 109 2.86 7.09 -20.63
CA LEU A 109 4.12 7.56 -20.05
C LEU A 109 4.60 6.71 -18.87
N TYR A 110 3.67 6.19 -18.07
CA TYR A 110 3.99 5.56 -16.79
C TYR A 110 3.30 4.22 -16.64
N SER A 111 3.74 3.45 -15.65
CA SER A 111 3.13 2.18 -15.29
CA SER A 111 3.11 2.19 -15.31
C SER A 111 2.79 2.19 -13.81
N ASN A 112 2.02 1.19 -13.39
CA ASN A 112 1.77 0.98 -11.97
C ASN A 112 3.07 0.61 -11.26
N TRP A 113 3.21 1.09 -10.02
CA TRP A 113 4.33 0.70 -9.18
C TRP A 113 3.82 0.56 -7.74
N TRP A 114 4.56 -0.19 -6.93
CA TRP A 114 4.31 -0.23 -5.49
C TRP A 114 5.61 -0.46 -4.74
N ASN A 115 5.58 -0.29 -3.42
CA ASN A 115 6.77 -0.57 -2.62
C ASN A 115 6.35 -0.91 -1.21
N ILE A 116 7.21 -1.67 -0.51
CA ILE A 116 7.06 -1.89 0.93
C ILE A 116 8.45 -1.83 1.58
N ALA A 117 8.59 -1.02 2.63
CA ALA A 117 9.87 -0.84 3.30
C ALA A 117 9.67 -0.90 4.80
N VAL A 118 10.66 -1.46 5.49
CA VAL A 118 10.73 -1.40 6.95
C VAL A 118 11.91 -0.52 7.32
N VAL A 119 11.66 0.53 8.10
CA VAL A 119 12.69 1.49 8.50
C VAL A 119 12.72 1.62 10.01
N ASP A 120 13.84 2.14 10.51
CA ASP A 120 13.98 2.36 11.94
C ASP A 120 13.22 3.61 12.39
N GLY A 121 12.70 3.56 13.62
CA GLY A 121 12.05 4.71 14.20
C GLY A 121 10.57 4.78 13.87
N ARG A 122 9.99 5.93 14.23
CA ARG A 122 8.57 6.24 14.06
C ARG A 122 8.50 7.29 12.96
N GLN A 123 8.14 6.88 11.74
CA GLN A 123 8.25 7.75 10.56
CA GLN A 123 8.26 7.75 10.56
C GLN A 123 6.91 7.93 9.88
N PRO A 124 6.23 9.06 10.09
CA PRO A 124 4.96 9.29 9.39
C PRO A 124 5.22 9.49 7.91
N PRO A 125 4.24 9.21 7.05
CA PRO A 125 4.43 9.42 5.62
C PRO A 125 4.25 10.89 5.26
N ASP A 126 4.97 11.29 4.22
CA ASP A 126 4.92 12.66 3.71
C ASP A 126 5.46 12.62 2.29
N SER A 127 5.57 13.79 1.67
CA SER A 127 5.99 13.82 0.27
C SER A 127 7.42 13.31 0.09
N ASN A 128 8.30 13.53 1.06
CA ASN A 128 9.69 13.08 0.93
C ASN A 128 9.78 11.57 1.06
N VAL A 129 9.08 11.01 2.04
CA VAL A 129 9.05 9.55 2.19
C VAL A 129 8.46 8.91 0.95
N HIS A 130 7.34 9.45 0.47
CA HIS A 130 6.71 8.89 -0.71
C HIS A 130 7.62 8.94 -1.92
N ASP A 131 8.26 10.10 -2.17
CA ASP A 131 9.13 10.22 -3.33
C ASP A 131 10.31 9.26 -3.24
N ASN A 132 10.85 9.08 -2.03
CA ASN A 132 11.97 8.15 -1.86
C ASN A 132 11.55 6.72 -2.15
N LEU A 133 10.34 6.33 -1.73
CA LEU A 133 9.83 4.99 -2.06
C LEU A 133 9.57 4.82 -3.55
N TYR A 134 9.08 5.88 -4.21
CA TYR A 134 8.82 5.82 -5.65
C TYR A 134 10.11 5.76 -6.45
N ASN A 135 11.18 6.40 -5.99
CA ASN A 135 12.42 6.48 -6.77
C ASN A 135 13.49 5.50 -6.31
N GLY A 136 13.29 4.80 -5.20
CA GLY A 136 14.37 4.00 -4.63
C GLY A 136 15.52 4.83 -4.11
N SER A 137 15.23 5.99 -3.54
CA SER A 137 16.26 6.87 -3.00
C SER A 137 16.11 6.99 -1.48
N GLY A 138 17.07 7.69 -0.88
CA GLY A 138 17.02 7.95 0.56
C GLY A 138 17.01 6.71 1.43
N GLY A 139 17.62 5.62 0.98
CA GLY A 139 17.69 4.40 1.77
C GLY A 139 16.50 3.47 1.60
N MET A 140 15.53 3.83 0.76
CA MET A 140 14.41 2.97 0.43
C MET A 140 14.83 1.96 -0.64
N PRO A 141 14.24 0.78 -0.63
CA PRO A 141 14.47 -0.16 -1.75
C PRO A 141 13.88 0.40 -3.04
N TYR A 142 14.41 -0.08 -4.16
CA TYR A 142 13.80 0.25 -5.44
CA TYR A 142 13.81 0.24 -5.45
C TYR A 142 12.39 -0.35 -5.49
N PRO A 143 11.43 0.33 -6.11
CA PRO A 143 10.04 -0.15 -6.09
C PRO A 143 9.83 -1.37 -6.98
N ASN A 144 8.61 -1.90 -6.89
CA ASN A 144 8.22 -3.19 -7.42
C ASN A 144 7.28 -3.01 -8.59
N LYS A 145 7.50 -3.78 -9.68
CA LYS A 145 6.61 -3.75 -10.82
C LYS A 145 5.39 -4.65 -10.56
N PRO A 146 4.30 -4.41 -11.28
CA PRO A 146 3.14 -5.32 -11.16
C PRO A 146 3.42 -6.69 -11.77
N ASP A 147 2.51 -7.62 -11.49
CA ASP A 147 2.53 -8.96 -12.07
C ASP A 147 3.74 -9.76 -11.64
N GLN A 148 4.32 -9.43 -10.50
CA GLN A 148 5.49 -10.08 -9.95
C GLN A 148 5.20 -10.39 -8.49
N TYR A 149 5.52 -11.60 -8.07
CA TYR A 149 5.50 -11.95 -6.66
C TYR A 149 6.83 -11.50 -6.03
N ILE A 150 6.75 -10.55 -5.12
CA ILE A 150 7.90 -9.96 -4.46
C ILE A 150 8.12 -10.67 -3.13
N ASN A 151 9.37 -11.04 -2.86
CA ASN A 151 9.80 -11.63 -1.59
C ASN A 151 11.13 -11.00 -1.23
N ASN A 152 11.20 -10.34 -0.07
CA ASN A 152 12.46 -9.81 0.41
C ASN A 152 12.44 -9.73 1.93
N GLU A 153 13.58 -9.39 2.52
CA GLU A 153 13.72 -9.28 3.96
C GLU A 153 14.37 -7.95 4.32
N GLN A 154 13.82 -7.30 5.33
CA GLN A 154 14.27 -5.98 5.75
C GLN A 154 14.14 -5.87 7.25
N LYS A 155 15.24 -5.52 7.92
CA LYS A 155 15.26 -5.21 9.36
C LYS A 155 14.55 -6.27 10.20
N GLY A 156 14.81 -7.53 9.88
CA GLY A 156 14.25 -8.60 10.69
C GLY A 156 12.84 -9.01 10.36
N PHE A 157 12.31 -8.54 9.22
CA PHE A 157 10.98 -8.91 8.77
C PHE A 157 11.05 -9.46 7.35
N HIS A 158 10.14 -10.37 7.03
CA HIS A 158 9.93 -10.84 5.68
C HIS A 158 8.71 -10.15 5.08
N LEU A 159 8.86 -9.69 3.84
CA LEU A 159 7.85 -8.96 3.09
C LEU A 159 7.51 -9.76 1.84
N PHE A 160 6.21 -9.86 1.55
CA PHE A 160 5.75 -10.58 0.37
C PHE A 160 4.57 -9.82 -0.21
N GLY A 161 4.45 -9.79 -1.53
CA GLY A 161 3.24 -9.22 -2.09
C GLY A 161 3.27 -9.13 -3.60
N SER A 162 2.17 -8.59 -4.14
N SER A 162 2.17 -8.57 -4.13
CA SER A 162 2.04 -8.42 -5.59
CA SER A 162 2.02 -8.41 -5.56
C SER A 162 0.96 -7.39 -5.89
C SER A 162 0.96 -7.36 -5.87
N MET A 163 1.08 -6.78 -7.06
CA MET A 163 0.16 -5.77 -7.55
C MET A 163 -0.27 -6.09 -8.97
N THR A 164 -1.51 -5.77 -9.31
CA THR A 164 -2.00 -5.95 -10.68
C THR A 164 -1.71 -4.70 -11.52
N ASN A 165 -1.96 -4.78 -12.84
CA ASN A 165 -1.31 -3.88 -13.79
C ASN A 165 -2.17 -2.73 -14.33
N ASN A 166 -3.43 -2.60 -13.93
CA ASN A 166 -4.30 -1.64 -14.61
C ASN A 166 -4.88 -0.59 -13.65
N GLY A 167 -5.87 0.15 -14.15
CA GLY A 167 -6.45 1.23 -13.41
C GLY A 167 -7.47 0.85 -12.38
N GLN A 168 -7.80 -0.43 -12.24
CA GLN A 168 -8.56 -0.93 -11.11
C GLN A 168 -7.68 -1.92 -10.37
N ALA A 169 -6.61 -1.38 -9.77
CA ALA A 169 -5.51 -2.19 -9.29
C ALA A 169 -5.83 -2.80 -7.92
N THR A 170 -5.15 -3.89 -7.64
CA THR A 170 -5.11 -4.44 -6.29
C THR A 170 -3.68 -4.70 -5.88
N ILE A 171 -3.39 -4.48 -4.59
CA ILE A 171 -2.17 -4.94 -3.95
C ILE A 171 -2.53 -5.89 -2.82
N GLU A 172 -1.90 -7.07 -2.80
CA GLU A 172 -1.93 -7.94 -1.63
C GLU A 172 -0.51 -7.98 -1.09
N VAL A 173 -0.35 -7.71 0.20
CA VAL A 173 0.99 -7.61 0.78
C VAL A 173 0.94 -8.15 2.20
N GLU A 174 2.06 -8.72 2.67
CA GLU A 174 2.12 -9.44 3.95
C GLU A 174 3.42 -9.13 4.68
N LEU A 175 3.29 -8.91 6.00
CA LEU A 175 4.40 -8.66 6.92
C LEU A 175 4.52 -9.84 7.87
N LYS A 176 5.70 -10.48 7.92
CA LYS A 176 5.96 -11.54 8.88
C LYS A 176 7.31 -11.31 9.55
N LYS A 177 7.50 -11.85 10.74
CA LYS A 177 8.81 -11.80 11.36
C LYS A 177 9.72 -12.78 10.63
N ALA A 178 10.96 -12.37 10.39
CA ALA A 178 11.88 -13.18 9.59
C ALA A 178 12.36 -14.41 10.36
#